data_6KS1
#
_entry.id   6KS1
#
_cell.length_a   74.580
_cell.length_b   101.030
_cell.length_c   108.630
_cell.angle_alpha   90.000
_cell.angle_beta   90.000
_cell.angle_gamma   90.000
#
_symmetry.space_group_name_H-M   'P 21 2 21'
#
loop_
_entity.id
_entity.type
_entity.pdbx_description
1 polymer 'Adiponectin receptor protein 2'
2 polymer 'The heavy chain variable domain (Antibody)'
3 polymer 'The light chain variable domain (Antibody)'
4 non-polymer 'ZINC ION'
5 non-polymer 'OLEIC ACID'
6 non-polymer '(2S)-2,3-dihydroxypropyl (9Z)-octadec-9-enoate'
7 non-polymer '(2R)-2,3-dihydroxypropyl (9Z)-octadec-9-enoate'
8 non-polymer '(2S)-3-{[(R)-(2-aminoethoxy)(hydroxy)phosphoryl]oxy}-2-hydroxypropyl hexadecanoate'
9 water water
#
loop_
_entity_poly.entity_id
_entity_poly.type
_entity_poly.pdbx_seq_one_letter_code
_entity_poly.pdbx_strand_id
1 'polypeptide(L)'
;GGSEFEGRWRVIPHDVLPDWLKDNDFLLHGHRPPMPSFRACFKSIFRIHTETGNIWTHLLGCVFFLCLGIFYMFRPNISF
VAPLQEKVVFGLFFLGAILCLSFSWLFHTVYCHSEGVSRLFSKLDYSGIALLIMGSFVPWLYYSFYCNPQPCFIYLIVIC
VLGIAAIIVSQWDMFATPQYRGVRAGVFLGLGLSGIIPTLHYVISEGFLKAATIGQIGWLMLMASLYITGAALYAARIPE
RFFPGKCDIWFHSHQLFHIFVVAGAFVHFHGVSNLQEFRFMIGGGCSEEDAL
;
A
2 'polypeptide(L)'
;EVLLQQSGPELVKPGASVRITCKASGYTFTDFNMDWVKQSPGKSLEWIGDFNPNSGGSIYNQKFKDKATFTVDKSSSTAY
MELRSLTFEDTAVYYCARETGTAWFAYWGQGTLVTVSAA
;
H
3 'polypeptide(L)'
;DIQMTQSPASLSASVGETVTITCRASGNIHNFLAWYQQKQGKSPQVLVYNAKTLADGVPSRFSGSGSGTQYSLKINSLQP
EDFGSYYCQQFWSTPYTFGGGTKLEIN
;
L
#
# COMPACT_ATOMS: atom_id res chain seq x y z
N GLU A 4 -2.81 -15.66 13.35
CA GLU A 4 -3.94 -14.86 13.80
C GLU A 4 -5.00 -14.76 12.72
N PHE A 5 -6.26 -14.77 13.13
CA PHE A 5 -7.40 -14.79 12.21
C PHE A 5 -7.90 -13.39 11.85
N GLU A 6 -7.20 -12.34 12.25
CA GLU A 6 -7.63 -10.97 12.00
C GLU A 6 -6.84 -10.38 10.86
N GLY A 7 -7.54 -9.70 9.94
CA GLY A 7 -6.90 -9.06 8.81
C GLY A 7 -6.09 -9.99 7.94
N ARG A 8 -6.70 -11.11 7.56
CA ARG A 8 -6.02 -12.09 6.72
C ARG A 8 -6.01 -11.61 5.28
N TRP A 9 -4.85 -11.72 4.62
CA TRP A 9 -4.71 -11.28 3.24
C TRP A 9 -3.66 -12.12 2.54
N ARG A 10 -3.76 -12.15 1.21
CA ARG A 10 -2.79 -12.82 0.36
C ARG A 10 -2.23 -11.84 -0.67
N VAL A 11 -1.02 -12.13 -1.14
CA VAL A 11 -0.44 -11.33 -2.22
C VAL A 11 -1.24 -11.54 -3.50
N ILE A 12 -1.32 -10.50 -4.31
CA ILE A 12 -2.11 -10.55 -5.54
C ILE A 12 -1.24 -10.18 -6.75
N PRO A 13 -1.55 -10.68 -7.94
CA PRO A 13 -0.81 -10.28 -9.13
C PRO A 13 -1.12 -8.84 -9.53
N HIS A 14 -0.25 -8.30 -10.38
CA HIS A 14 -0.32 -6.88 -10.75
C HIS A 14 -1.60 -6.53 -11.50
N ASP A 15 -2.16 -7.48 -12.26
CA ASP A 15 -3.26 -7.15 -13.15
C ASP A 15 -4.57 -6.85 -12.43
N VAL A 16 -4.73 -7.32 -11.18
CA VAL A 16 -5.98 -7.10 -10.46
C VAL A 16 -5.84 -5.91 -9.50
N LEU A 17 -4.70 -5.23 -9.56
CA LEU A 17 -4.49 -4.08 -8.70
C LEU A 17 -5.38 -2.92 -9.14
N PRO A 18 -5.80 -2.08 -8.20
CA PRO A 18 -6.45 -0.81 -8.58
C PRO A 18 -5.46 0.14 -9.23
N ASP A 19 -6.00 1.20 -9.84
CA ASP A 19 -5.18 2.12 -10.61
C ASP A 19 -4.14 2.80 -9.74
N TRP A 20 -4.55 3.31 -8.58
CA TRP A 20 -3.65 4.07 -7.72
C TRP A 20 -2.53 3.23 -7.13
N LEU A 21 -2.56 1.92 -7.30
CA LEU A 21 -1.52 1.04 -6.79
C LEU A 21 -0.61 0.48 -7.88
N LYS A 22 -0.86 0.81 -9.14
CA LYS A 22 -0.01 0.39 -10.25
C LYS A 22 1.03 1.48 -10.51
N ASP A 23 2.24 1.30 -9.97
CA ASP A 23 3.33 2.24 -10.18
C ASP A 23 4.47 1.66 -11.00
N ASN A 24 4.52 0.33 -11.17
CA ASN A 24 5.59 -0.29 -11.94
C ASN A 24 5.07 -1.65 -12.41
N ASP A 25 4.71 -1.74 -13.70
CA ASP A 25 4.16 -2.95 -14.27
C ASP A 25 5.22 -4.02 -14.55
N PHE A 26 6.47 -3.79 -14.15
CA PHE A 26 7.49 -4.81 -14.25
C PHE A 26 7.53 -5.74 -13.04
N LEU A 27 6.88 -5.35 -11.94
CA LEU A 27 6.68 -6.22 -10.79
C LEU A 27 5.31 -6.88 -10.94
N LEU A 28 5.31 -8.18 -11.23
CA LEU A 28 4.08 -8.84 -11.66
C LEU A 28 3.31 -9.49 -10.51
N HIS A 29 3.99 -10.08 -9.54
CA HIS A 29 3.34 -10.79 -8.46
C HIS A 29 3.92 -10.35 -7.12
N GLY A 30 3.17 -10.64 -6.06
CA GLY A 30 3.61 -10.34 -4.72
C GLY A 30 3.20 -9.00 -4.16
N HIS A 31 2.15 -8.39 -4.70
CA HIS A 31 1.69 -7.09 -4.21
C HIS A 31 0.69 -7.25 -3.07
N ARG A 32 0.65 -6.25 -2.21
CA ARG A 32 -0.39 -6.23 -1.20
C ARG A 32 -1.69 -5.72 -1.81
N PRO A 33 -2.83 -6.30 -1.47
CA PRO A 33 -4.11 -5.78 -1.93
C PRO A 33 -4.51 -4.56 -1.13
N PRO A 34 -5.43 -3.74 -1.64
CA PRO A 34 -5.87 -2.56 -0.88
C PRO A 34 -6.58 -2.96 0.41
N MET A 35 -6.04 -2.51 1.53
CA MET A 35 -6.58 -2.82 2.85
C MET A 35 -6.72 -1.53 3.65
N PRO A 36 -7.93 -1.02 3.83
CA PRO A 36 -8.09 0.29 4.50
C PRO A 36 -8.02 0.22 6.02
N SER A 37 -7.08 -0.55 6.55
CA SER A 37 -6.84 -0.62 7.98
C SER A 37 -5.37 -0.40 8.25
N PHE A 38 -5.05 0.65 9.03
CA PHE A 38 -3.66 0.91 9.37
C PHE A 38 -3.06 -0.22 10.20
N ARG A 39 -3.88 -0.93 10.96
CA ARG A 39 -3.39 -2.06 11.75
C ARG A 39 -2.85 -3.16 10.84
N ALA A 40 -3.58 -3.48 9.77
CA ALA A 40 -3.10 -4.49 8.84
C ALA A 40 -1.89 -4.00 8.06
N CYS A 41 -1.84 -2.70 7.77
CA CYS A 41 -0.70 -2.15 7.04
C CYS A 41 0.59 -2.24 7.85
N PHE A 42 0.53 -1.87 9.12
CA PHE A 42 1.74 -1.85 9.93
C PHE A 42 2.22 -3.25 10.31
N LYS A 43 1.34 -4.24 10.35
CA LYS A 43 1.79 -5.60 10.59
C LYS A 43 2.33 -6.25 9.32
N SER A 44 1.98 -5.72 8.15
CA SER A 44 2.56 -6.18 6.90
C SER A 44 4.06 -5.90 6.81
N ILE A 45 4.60 -5.09 7.72
CA ILE A 45 6.04 -4.85 7.77
C ILE A 45 6.79 -6.16 7.97
N PHE A 46 6.19 -7.10 8.71
CA PHE A 46 6.80 -8.41 8.94
C PHE A 46 6.26 -9.47 7.99
N ARG A 47 5.74 -9.07 6.84
CA ARG A 47 5.26 -9.98 5.81
C ARG A 47 6.09 -9.79 4.55
N ILE A 48 6.07 -10.82 3.70
CA ILE A 48 6.84 -10.82 2.46
C ILE A 48 5.94 -10.30 1.34
N HIS A 49 6.33 -9.18 0.75
CA HIS A 49 5.59 -8.58 -0.37
C HIS A 49 6.55 -7.64 -1.11
N THR A 50 5.99 -6.86 -2.02
CA THR A 50 6.83 -6.00 -2.87
C THR A 50 7.43 -4.83 -2.10
N GLU A 51 6.86 -4.44 -0.97
CA GLU A 51 7.33 -3.26 -0.25
C GLU A 51 8.15 -3.59 0.99
N THR A 52 8.44 -4.88 1.24
CA THR A 52 9.19 -5.26 2.43
C THR A 52 10.56 -4.59 2.46
N GLY A 53 11.31 -4.68 1.35
CA GLY A 53 12.62 -4.07 1.31
C GLY A 53 12.57 -2.55 1.33
N ASN A 54 11.54 -1.97 0.69
CA ASN A 54 11.46 -0.52 0.61
C ASN A 54 11.22 0.13 1.98
N ILE A 55 10.51 -0.54 2.88
CA ILE A 55 10.26 0.01 4.20
C ILE A 55 11.42 -0.26 5.14
N TRP A 56 11.95 -1.49 5.14
CA TRP A 56 13.00 -1.84 6.09
C TRP A 56 14.29 -1.09 5.80
N THR A 57 14.56 -0.76 4.54
CA THR A 57 15.77 -0.01 4.22
C THR A 57 15.73 1.39 4.84
N HIS A 58 14.60 2.06 4.75
CA HIS A 58 14.47 3.43 5.28
C HIS A 58 13.92 3.47 6.69
N LEU A 59 13.59 2.32 7.29
CA LEU A 59 13.30 2.29 8.71
C LEU A 59 14.55 1.98 9.52
N LEU A 60 15.39 1.06 9.04
CA LEU A 60 16.70 0.87 9.65
C LEU A 60 17.57 2.10 9.46
N GLY A 61 17.46 2.76 8.31
CA GLY A 61 18.22 3.97 8.08
C GLY A 61 17.74 5.15 8.90
N CYS A 62 16.45 5.15 9.27
CA CYS A 62 15.91 6.26 10.05
C CYS A 62 16.44 6.24 11.48
N VAL A 63 16.51 5.05 12.09
CA VAL A 63 17.08 4.95 13.43
C VAL A 63 18.59 5.10 13.40
N PHE A 64 19.24 4.81 12.28
CA PHE A 64 20.69 4.96 12.22
C PHE A 64 21.07 6.44 12.26
N PHE A 65 20.39 7.28 11.48
CA PHE A 65 20.68 8.71 11.51
C PHE A 65 20.04 9.41 12.70
N LEU A 66 19.04 8.81 13.33
CA LEU A 66 18.52 9.34 14.58
C LEU A 66 19.56 9.19 15.69
N CYS A 67 20.09 7.99 15.87
CA CYS A 67 21.12 7.77 16.88
C CYS A 67 22.42 8.48 16.53
N LEU A 68 22.78 8.50 15.24
CA LEU A 68 23.93 9.27 14.83
C LEU A 68 23.73 10.76 15.06
N GLY A 69 22.48 11.23 14.96
CA GLY A 69 22.21 12.63 15.19
C GLY A 69 22.28 13.04 16.65
N ILE A 70 21.98 12.12 17.56
CA ILE A 70 22.01 12.45 18.99
C ILE A 70 23.42 12.30 19.55
N PHE A 71 24.19 11.31 19.06
CA PHE A 71 25.61 11.26 19.40
C PHE A 71 26.31 12.55 18.99
N TYR A 72 25.94 13.11 17.85
CA TYR A 72 26.57 14.34 17.39
C TYR A 72 26.29 15.51 18.33
N MET A 73 25.12 15.52 18.97
CA MET A 73 24.80 16.62 19.88
C MET A 73 25.57 16.51 21.18
N PHE A 74 25.92 15.30 21.61
CA PHE A 74 26.61 15.09 22.88
C PHE A 74 28.12 14.92 22.72
N ARG A 75 28.64 15.14 21.51
CA ARG A 75 30.08 15.20 21.36
C ARG A 75 30.61 16.43 22.09
N PRO A 76 31.81 16.34 22.68
CA PRO A 76 32.30 17.45 23.51
C PRO A 76 32.55 18.69 22.67
N ASN A 77 32.15 19.84 23.23
CA ASN A 77 32.40 21.14 22.61
C ASN A 77 33.89 21.48 22.57
N ILE A 78 34.74 20.61 23.13
CA ILE A 78 36.19 20.77 23.08
C ILE A 78 36.67 20.83 21.63
N SER A 79 35.96 20.19 20.70
CA SER A 79 36.46 19.94 19.36
C SER A 79 35.84 20.85 18.31
N PHE A 80 35.10 21.88 18.72
CA PHE A 80 34.30 22.67 17.79
C PHE A 80 34.67 24.15 17.93
N VAL A 81 34.80 24.83 16.79
CA VAL A 81 35.16 26.24 16.80
C VAL A 81 33.97 27.11 17.20
N ALA A 82 32.75 26.65 16.94
CA ALA A 82 31.53 27.35 17.37
C ALA A 82 30.47 26.31 17.67
N PRO A 83 30.54 25.68 18.85
CA PRO A 83 29.72 24.48 19.09
C PRO A 83 28.22 24.67 18.93
N LEU A 84 27.68 25.83 19.33
CA LEU A 84 26.22 25.98 19.28
C LEU A 84 25.73 26.09 17.84
N GLN A 85 26.36 26.95 17.04
CA GLN A 85 25.92 27.09 15.66
C GLN A 85 26.50 26.02 14.72
N GLU A 86 27.57 25.35 15.12
CA GLU A 86 28.04 24.22 14.34
C GLU A 86 27.12 23.01 14.49
N LYS A 87 26.61 22.79 15.71
CA LYS A 87 25.63 21.74 15.92
C LYS A 87 24.27 22.08 15.34
N VAL A 88 24.03 23.35 15.00
CA VAL A 88 22.76 23.73 14.38
C VAL A 88 22.76 23.42 12.89
N VAL A 89 23.84 23.79 12.18
CA VAL A 89 23.91 23.52 10.75
C VAL A 89 23.90 22.01 10.49
N PHE A 90 24.55 21.25 11.37
CA PHE A 90 24.52 19.80 11.25
C PHE A 90 23.13 19.25 11.57
N GLY A 91 22.49 19.80 12.61
CA GLY A 91 21.16 19.35 12.96
C GLY A 91 20.14 19.60 11.85
N LEU A 92 20.30 20.70 11.12
CA LEU A 92 19.44 20.96 9.98
C LEU A 92 19.61 19.89 8.90
N PHE A 93 20.84 19.38 8.75
CA PHE A 93 21.04 18.24 7.86
C PHE A 93 20.41 16.98 8.43
N PHE A 94 20.58 16.75 9.73
CA PHE A 94 19.94 15.59 10.36
C PHE A 94 18.42 15.72 10.35
N LEU A 95 17.90 16.95 10.45
CA LEU A 95 16.46 17.14 10.40
C LEU A 95 15.90 16.70 9.04
N GLY A 96 16.56 17.13 7.96
CA GLY A 96 16.11 16.71 6.64
C GLY A 96 16.31 15.23 6.40
N ALA A 97 17.40 14.67 6.92
CA ALA A 97 17.69 13.25 6.70
C ALA A 97 16.68 12.37 7.44
N ILE A 98 16.36 12.71 8.68
CA ILE A 98 15.41 11.91 9.46
C ILE A 98 14.01 12.03 8.88
N LEU A 99 13.59 13.24 8.52
CA LEU A 99 12.24 13.45 8.03
C LEU A 99 12.00 12.73 6.72
N CYS A 100 12.99 12.71 5.82
CA CYS A 100 12.81 12.09 4.52
C CYS A 100 12.78 10.58 4.62
N LEU A 101 13.61 10.01 5.52
CA LEU A 101 13.56 8.57 5.73
C LEU A 101 12.32 8.13 6.49
N SER A 102 11.85 8.97 7.43
CA SER A 102 10.62 8.63 8.15
C SER A 102 9.39 8.79 7.27
N PHE A 103 9.34 9.85 6.46
CA PHE A 103 8.22 10.01 5.54
C PHE A 103 8.18 8.87 4.53
N SER A 104 9.33 8.31 4.18
CA SER A 104 9.40 7.32 3.11
C SER A 104 8.94 5.95 3.59
N TRP A 105 9.49 5.45 4.71
CA TRP A 105 9.07 4.14 5.20
C TRP A 105 7.62 4.16 5.68
N LEU A 106 7.16 5.31 6.18
CA LEU A 106 5.75 5.43 6.55
C LEU A 106 4.86 5.37 5.32
N PHE A 107 5.26 6.06 4.23
CA PHE A 107 4.49 6.02 3.00
C PHE A 107 4.43 4.61 2.43
N HIS A 108 5.57 3.93 2.37
CA HIS A 108 5.61 2.59 1.81
C HIS A 108 4.83 1.60 2.66
N THR A 109 4.67 1.89 3.95
CA THR A 109 3.88 1.02 4.82
C THR A 109 2.38 1.19 4.55
N VAL A 110 1.92 2.42 4.51
CA VAL A 110 0.50 2.71 4.32
C VAL A 110 0.15 2.89 2.84
N TYR A 111 1.04 2.45 1.94
CA TYR A 111 0.82 2.64 0.52
C TYR A 111 -0.47 1.96 0.04
N CYS A 112 -0.78 0.80 0.60
CA CYS A 112 -1.92 0.00 0.16
C CYS A 112 -3.19 0.26 0.96
N HIS A 113 -3.21 1.29 1.79
CA HIS A 113 -4.39 1.55 2.63
C HIS A 113 -5.59 1.96 1.78
N SER A 114 -5.57 3.18 1.25
CA SER A 114 -6.63 3.66 0.38
C SER A 114 -6.03 4.72 -0.54
N GLU A 115 -6.83 5.13 -1.53
CA GLU A 115 -6.35 6.11 -2.50
C GLU A 115 -6.06 7.46 -1.84
N GLY A 116 -6.88 7.85 -0.86
CA GLY A 116 -6.66 9.13 -0.21
C GLY A 116 -5.42 9.13 0.67
N VAL A 117 -5.25 8.09 1.48
CA VAL A 117 -4.07 7.98 2.32
C VAL A 117 -2.82 7.83 1.45
N SER A 118 -2.94 7.15 0.31
CA SER A 118 -1.79 6.94 -0.57
C SER A 118 -1.30 8.26 -1.17
N ARG A 119 -2.22 9.09 -1.66
CA ARG A 119 -1.82 10.36 -2.23
C ARG A 119 -1.24 11.30 -1.19
N LEU A 120 -1.75 11.24 0.05
CA LEU A 120 -1.25 12.11 1.11
C LEU A 120 0.20 11.77 1.46
N PHE A 121 0.47 10.48 1.73
CA PHE A 121 1.81 10.09 2.13
C PHE A 121 2.79 10.08 0.95
N SER A 122 2.29 10.08 -0.29
CA SER A 122 3.19 10.21 -1.43
C SER A 122 3.74 11.64 -1.52
N LYS A 123 2.89 12.63 -1.24
CA LYS A 123 3.35 14.02 -1.24
C LYS A 123 4.34 14.26 -0.11
N LEU A 124 4.14 13.62 1.04
CA LEU A 124 5.15 13.65 2.08
C LEU A 124 6.43 12.94 1.65
N ASP A 125 6.30 11.87 0.87
CA ASP A 125 7.48 11.14 0.39
C ASP A 125 8.31 12.01 -0.54
N TYR A 126 7.65 12.71 -1.47
CA TYR A 126 8.37 13.58 -2.40
C TYR A 126 8.93 14.81 -1.70
N SER A 127 8.17 15.40 -0.78
CA SER A 127 8.68 16.57 -0.09
C SER A 127 9.87 16.23 0.79
N GLY A 128 9.93 14.99 1.29
CA GLY A 128 11.05 14.58 2.12
C GLY A 128 12.39 14.68 1.41
N ILE A 129 12.46 14.23 0.16
CA ILE A 129 13.73 14.19 -0.55
C ILE A 129 14.23 15.60 -0.84
N ALA A 130 13.31 16.55 -1.04
CA ALA A 130 13.73 17.95 -1.15
C ALA A 130 14.31 18.45 0.18
N LEU A 131 13.68 18.10 1.30
CA LEU A 131 14.19 18.52 2.60
C LEU A 131 15.57 17.96 2.87
N LEU A 132 15.84 16.73 2.42
CA LEU A 132 17.16 16.15 2.59
C LEU A 132 18.18 16.86 1.72
N ILE A 133 17.77 17.32 0.53
CA ILE A 133 18.71 18.00 -0.36
C ILE A 133 19.03 19.39 0.16
N MET A 134 18.02 20.13 0.62
CA MET A 134 18.29 21.44 1.21
C MET A 134 19.05 21.32 2.52
N GLY A 135 18.67 20.35 3.36
CA GLY A 135 19.39 20.13 4.60
C GLY A 135 20.84 19.73 4.37
N SER A 136 21.12 19.04 3.25
CA SER A 136 22.48 18.67 2.95
C SER A 136 23.34 19.88 2.59
N PHE A 137 22.72 20.90 1.97
CA PHE A 137 23.47 22.05 1.50
C PHE A 137 23.91 22.98 2.62
N VAL A 138 23.28 22.92 3.79
CA VAL A 138 23.48 23.93 4.83
C VAL A 138 24.83 23.74 5.53
N PRO A 139 25.15 22.58 6.10
CA PRO A 139 26.48 22.43 6.70
C PRO A 139 27.58 22.40 5.67
N TRP A 140 27.28 22.01 4.43
N TRP A 140 27.26 21.99 4.44
CA TRP A 140 28.32 21.98 3.40
CA TRP A 140 28.24 21.97 3.36
C TRP A 140 28.68 23.38 2.91
C TRP A 140 28.66 23.38 2.99
N LEU A 141 27.71 24.31 2.90
CA LEU A 141 28.00 25.67 2.44
C LEU A 141 28.67 26.50 3.52
N TYR A 142 28.19 26.40 4.77
CA TYR A 142 28.70 27.21 5.87
C TYR A 142 30.19 26.99 6.12
N TYR A 143 30.79 25.96 5.51
CA TYR A 143 32.21 25.68 5.63
C TYR A 143 33.00 26.03 4.39
N SER A 144 32.43 25.79 3.20
CA SER A 144 33.14 26.12 1.97
C SER A 144 33.25 27.63 1.80
N PHE A 145 32.19 28.36 2.12
CA PHE A 145 32.20 29.83 2.11
C PHE A 145 32.31 30.39 3.52
N TYR A 146 33.21 29.82 4.33
CA TYR A 146 33.34 30.25 5.73
C TYR A 146 33.77 31.71 5.82
N CYS A 147 34.74 32.10 5.01
CA CYS A 147 35.29 33.46 5.02
C CYS A 147 34.67 34.35 3.95
N ASN A 148 33.71 33.85 3.17
CA ASN A 148 32.99 34.63 2.17
C ASN A 148 31.50 34.53 2.52
N PRO A 149 31.02 35.35 3.45
CA PRO A 149 29.64 35.17 3.94
C PRO A 149 28.56 35.48 2.93
N GLN A 150 28.76 36.45 2.04
CA GLN A 150 27.63 36.83 1.19
C GLN A 150 27.37 35.81 0.08
N PRO A 151 28.38 35.22 -0.56
CA PRO A 151 28.07 34.08 -1.45
C PRO A 151 27.43 32.92 -0.71
N CYS A 152 27.81 32.71 0.56
CA CYS A 152 27.20 31.65 1.34
C CYS A 152 25.71 31.89 1.58
N PHE A 153 25.31 33.16 1.73
CA PHE A 153 23.92 33.46 2.07
C PHE A 153 23.01 33.54 0.86
N ILE A 154 23.52 33.91 -0.32
CA ILE A 154 22.69 33.85 -1.52
C ILE A 154 22.46 32.41 -1.93
N TYR A 155 23.52 31.59 -1.87
CA TYR A 155 23.41 30.19 -2.29
C TYR A 155 22.49 29.39 -1.38
N LEU A 156 22.34 29.79 -0.12
CA LEU A 156 21.35 29.15 0.74
C LEU A 156 19.94 29.68 0.51
N ILE A 157 19.83 30.87 -0.10
CA ILE A 157 18.51 31.39 -0.45
C ILE A 157 17.98 30.70 -1.70
N VAL A 158 18.84 30.48 -2.70
CA VAL A 158 18.35 29.93 -3.96
C VAL A 158 18.08 28.43 -3.86
N ILE A 159 18.85 27.69 -3.05
CA ILE A 159 18.53 26.27 -2.90
C ILE A 159 17.23 26.10 -2.12
N CYS A 160 16.91 27.06 -1.24
CA CYS A 160 15.63 27.02 -0.55
C CYS A 160 14.48 27.46 -1.44
N VAL A 161 14.70 28.41 -2.35
CA VAL A 161 13.65 28.76 -3.29
C VAL A 161 13.47 27.64 -4.31
N LEU A 162 14.52 26.87 -4.59
CA LEU A 162 14.39 25.72 -5.49
C LEU A 162 13.77 24.53 -4.79
N GLY A 163 14.16 24.28 -3.54
CA GLY A 163 13.60 23.16 -2.81
C GLY A 163 12.15 23.36 -2.43
N ILE A 164 11.77 24.61 -2.11
CA ILE A 164 10.37 24.90 -1.84
C ILE A 164 9.55 24.75 -3.11
N ALA A 165 10.07 25.23 -4.24
CA ALA A 165 9.39 25.02 -5.52
C ALA A 165 9.27 23.53 -5.83
N ALA A 166 10.31 22.75 -5.51
CA ALA A 166 10.24 21.31 -5.71
C ALA A 166 9.22 20.66 -4.77
N ILE A 167 9.01 21.24 -3.59
CA ILE A 167 8.00 20.70 -2.70
C ILE A 167 6.60 21.06 -3.19
N ILE A 168 6.43 22.24 -3.77
CA ILE A 168 5.12 22.63 -4.28
C ILE A 168 4.77 21.86 -5.54
N VAL A 169 5.76 21.59 -6.39
CA VAL A 169 5.49 20.81 -7.60
C VAL A 169 5.14 19.37 -7.26
N SER A 170 5.55 18.89 -6.08
CA SER A 170 5.19 17.54 -5.65
C SER A 170 3.77 17.45 -5.13
N GLN A 171 3.12 18.59 -4.86
CA GLN A 171 1.70 18.60 -4.56
C GLN A 171 0.82 18.40 -5.79
N TRP A 172 1.41 18.48 -6.98
CA TRP A 172 0.69 18.18 -8.22
C TRP A 172 0.37 16.70 -8.28
N ASP A 173 -0.83 16.38 -8.80
CA ASP A 173 -1.26 15.00 -8.79
C ASP A 173 -0.66 14.20 -9.94
N MET A 174 -0.59 14.77 -11.14
CA MET A 174 0.05 14.08 -12.25
C MET A 174 1.55 13.92 -12.05
N PHE A 175 2.13 14.58 -11.05
CA PHE A 175 3.53 14.32 -10.70
C PHE A 175 3.72 12.87 -10.26
N ALA A 176 2.74 12.33 -9.53
CA ALA A 176 2.85 10.97 -8.98
C ALA A 176 2.54 9.87 -9.99
N THR A 177 2.11 10.22 -11.19
CA THR A 177 1.77 9.20 -12.17
C THR A 177 3.04 8.56 -12.74
N PRO A 178 2.96 7.30 -13.17
CA PRO A 178 4.15 6.65 -13.75
C PRO A 178 4.63 7.27 -15.04
N GLN A 179 3.80 8.04 -15.73
CA GLN A 179 4.26 8.74 -16.93
C GLN A 179 5.26 9.84 -16.60
N TYR A 180 5.24 10.35 -15.37
CA TYR A 180 6.11 11.44 -14.97
C TYR A 180 7.28 10.97 -14.11
N ARG A 181 7.55 9.66 -14.08
CA ARG A 181 8.64 9.17 -13.24
C ARG A 181 9.99 9.67 -13.74
N GLY A 182 10.11 9.95 -15.04
CA GLY A 182 11.30 10.62 -15.53
C GLY A 182 11.31 12.08 -15.21
N VAL A 183 10.13 12.69 -15.05
CA VAL A 183 10.05 14.08 -14.65
C VAL A 183 10.45 14.25 -13.18
N ARG A 184 9.98 13.34 -12.32
CA ARG A 184 10.39 13.39 -10.92
C ARG A 184 11.87 13.10 -10.76
N ALA A 185 12.43 12.25 -11.62
CA ALA A 185 13.86 11.97 -11.56
C ALA A 185 14.68 13.22 -11.83
N GLY A 186 14.36 13.92 -12.92
CA GLY A 186 15.13 15.10 -13.29
C GLY A 186 14.92 16.27 -12.34
N VAL A 187 13.73 16.40 -11.76
CA VAL A 187 13.46 17.52 -10.87
C VAL A 187 14.32 17.43 -9.62
N PHE A 188 14.30 16.27 -8.95
CA PHE A 188 15.10 16.14 -7.74
C PHE A 188 16.58 16.02 -8.06
N LEU A 189 16.93 15.42 -9.20
CA LEU A 189 18.33 15.33 -9.57
C LEU A 189 18.89 16.70 -9.94
N GLY A 190 18.09 17.52 -10.63
CA GLY A 190 18.49 18.89 -10.89
C GLY A 190 18.57 19.72 -9.64
N LEU A 191 17.82 19.33 -8.60
CA LEU A 191 17.91 20.01 -7.31
C LEU A 191 19.28 19.79 -6.68
N GLY A 192 19.75 18.54 -6.67
CA GLY A 192 21.04 18.22 -6.09
C GLY A 192 22.19 18.67 -6.96
N LEU A 193 22.06 18.52 -8.27
CA LEU A 193 23.09 18.96 -9.20
C LEU A 193 23.09 20.47 -9.40
N SER A 194 22.16 21.18 -8.77
CA SER A 194 22.23 22.64 -8.73
C SER A 194 23.46 23.11 -7.97
N GLY A 195 24.00 22.28 -7.08
CA GLY A 195 25.22 22.57 -6.37
C GLY A 195 26.47 22.68 -7.21
N ILE A 196 26.37 22.44 -8.53
CA ILE A 196 27.52 22.62 -9.39
C ILE A 196 27.89 24.10 -9.49
N ILE A 197 26.93 24.99 -9.31
CA ILE A 197 27.17 26.43 -9.40
C ILE A 197 27.95 26.90 -8.18
N PRO A 198 27.54 26.55 -6.94
CA PRO A 198 28.39 26.90 -5.79
C PRO A 198 29.74 26.21 -5.81
N THR A 199 29.83 25.00 -6.38
CA THR A 199 31.10 24.29 -6.41
C THR A 199 32.08 24.96 -7.36
N LEU A 200 31.62 25.35 -8.55
CA LEU A 200 32.50 26.06 -9.48
C LEU A 200 32.89 27.43 -8.94
N HIS A 201 31.97 28.11 -8.26
CA HIS A 201 32.31 29.35 -7.58
C HIS A 201 33.42 29.12 -6.56
N TYR A 202 33.36 28.00 -5.84
CA TYR A 202 34.36 27.72 -4.82
C TYR A 202 35.71 27.41 -5.42
N VAL A 203 35.74 26.65 -6.53
CA VAL A 203 37.01 26.27 -7.15
C VAL A 203 37.68 27.50 -7.77
N ILE A 204 36.88 28.41 -8.33
CA ILE A 204 37.44 29.60 -8.96
C ILE A 204 38.15 30.47 -7.93
N SER A 205 37.52 30.67 -6.77
CA SER A 205 38.07 31.58 -5.77
C SER A 205 39.13 30.94 -4.89
N GLU A 206 39.12 29.61 -4.73
CA GLU A 206 40.09 28.92 -3.89
C GLU A 206 41.17 28.19 -4.67
N GLY A 207 40.81 27.49 -5.74
CA GLY A 207 41.78 26.84 -6.59
C GLY A 207 41.62 25.33 -6.60
N PHE A 208 42.28 24.73 -7.60
CA PHE A 208 42.25 23.28 -7.73
C PHE A 208 42.97 22.60 -6.57
N LEU A 209 44.16 23.10 -6.22
CA LEU A 209 44.91 22.51 -5.13
C LEU A 209 44.13 22.59 -3.82
N LYS A 210 43.56 23.77 -3.52
CA LYS A 210 42.79 23.92 -2.30
C LYS A 210 41.62 22.93 -2.26
N ALA A 211 40.86 22.86 -3.36
CA ALA A 211 39.71 21.97 -3.40
C ALA A 211 40.13 20.50 -3.29
N ALA A 212 41.30 20.14 -3.80
CA ALA A 212 41.75 18.75 -3.70
C ALA A 212 42.43 18.48 -2.37
N THR A 213 43.22 19.42 -1.87
CA THR A 213 43.90 19.23 -0.58
C THR A 213 42.89 18.98 0.53
N ILE A 214 41.87 19.82 0.62
CA ILE A 214 40.83 19.64 1.63
C ILE A 214 39.99 18.40 1.38
N GLY A 215 40.09 17.80 0.20
CA GLY A 215 39.41 16.57 -0.13
C GLY A 215 38.04 16.72 -0.74
N GLN A 216 37.66 17.91 -1.19
CA GLN A 216 36.28 18.14 -1.61
C GLN A 216 35.98 17.48 -2.95
N ILE A 217 36.82 17.70 -3.96
CA ILE A 217 36.51 17.23 -5.30
C ILE A 217 36.41 15.70 -5.37
N GLY A 218 37.00 14.99 -4.41
CA GLY A 218 36.88 13.55 -4.38
C GLY A 218 35.57 13.10 -3.78
N TRP A 219 35.14 13.77 -2.71
N TRP A 219 35.14 13.79 -2.72
CA TRP A 219 33.91 13.36 -2.02
CA TRP A 219 33.94 13.39 -1.99
C TRP A 219 32.67 13.74 -2.80
C TRP A 219 32.67 13.79 -2.73
N LEU A 220 32.67 14.91 -3.45
CA LEU A 220 31.50 15.31 -4.22
C LEU A 220 31.30 14.50 -5.52
N MET A 221 32.36 14.12 -6.25
CA MET A 221 32.14 13.25 -7.41
C MET A 221 31.71 11.84 -6.97
N LEU A 222 32.00 11.48 -5.72
CA LEU A 222 31.32 10.33 -5.15
C LEU A 222 29.85 10.66 -4.93
N MET A 223 29.56 11.86 -4.41
CA MET A 223 28.17 12.30 -4.28
C MET A 223 27.49 12.39 -5.64
N ALA A 224 28.17 12.98 -6.62
CA ALA A 224 27.60 13.12 -7.95
C ALA A 224 27.32 11.76 -8.58
N SER A 225 28.17 10.76 -8.30
CA SER A 225 27.96 9.43 -8.87
C SER A 225 26.78 8.74 -8.20
N LEU A 226 26.71 8.80 -6.87
CA LEU A 226 25.56 8.21 -6.17
C LEU A 226 24.27 8.93 -6.55
N TYR A 227 24.33 10.24 -6.72
CA TYR A 227 23.18 10.98 -7.21
C TYR A 227 22.74 10.49 -8.58
N ILE A 228 23.70 10.41 -9.51
CA ILE A 228 23.37 10.05 -10.90
C ILE A 228 22.93 8.60 -10.98
N THR A 229 23.72 7.68 -10.39
CA THR A 229 23.41 6.26 -10.48
C THR A 229 22.07 5.93 -9.83
N GLY A 230 21.81 6.51 -8.65
CA GLY A 230 20.53 6.27 -8.00
C GLY A 230 19.36 6.77 -8.82
N ALA A 231 19.50 7.94 -9.44
CA ALA A 231 18.42 8.47 -10.26
C ALA A 231 18.27 7.70 -11.56
N ALA A 232 19.38 7.18 -12.10
CA ALA A 232 19.31 6.45 -13.37
C ALA A 232 18.60 5.11 -13.19
N LEU A 233 18.90 4.39 -12.10
CA LEU A 233 18.24 3.12 -11.83
C LEU A 233 16.75 3.33 -11.58
N TYR A 234 16.40 4.38 -10.83
CA TYR A 234 15.00 4.65 -10.55
C TYR A 234 14.23 4.97 -11.82
N ALA A 235 14.77 5.86 -12.65
CA ALA A 235 14.01 6.36 -13.79
C ALA A 235 13.80 5.28 -14.85
N ALA A 236 14.72 4.33 -14.97
CA ALA A 236 14.62 3.31 -16.00
C ALA A 236 14.37 1.91 -15.46
N ARG A 237 14.22 1.77 -14.14
CA ARG A 237 13.70 0.55 -13.51
C ARG A 237 14.59 -0.67 -13.79
N ILE A 238 15.89 -0.49 -13.60
CA ILE A 238 16.86 -1.59 -13.67
C ILE A 238 16.99 -2.17 -12.26
N PRO A 239 17.06 -3.50 -12.08
CA PRO A 239 17.10 -4.55 -13.10
C PRO A 239 15.78 -5.23 -13.43
N GLU A 240 14.66 -4.78 -12.85
CA GLU A 240 13.39 -5.42 -13.13
C GLU A 240 12.94 -5.22 -14.58
N ARG A 241 13.49 -4.22 -15.27
CA ARG A 241 13.18 -4.05 -16.69
C ARG A 241 13.74 -5.20 -17.51
N PHE A 242 14.86 -5.77 -17.09
CA PHE A 242 15.48 -6.87 -17.84
C PHE A 242 14.85 -8.21 -17.49
N PHE A 243 14.55 -8.44 -16.21
CA PHE A 243 13.98 -9.70 -15.73
C PHE A 243 12.62 -9.41 -15.12
N PRO A 244 11.57 -9.28 -15.94
CA PRO A 244 10.23 -9.06 -15.38
C PRO A 244 9.72 -10.30 -14.67
N GLY A 245 9.27 -10.14 -13.44
CA GLY A 245 8.69 -11.22 -12.68
C GLY A 245 9.67 -12.04 -11.86
N LYS A 246 10.94 -11.65 -11.81
CA LYS A 246 11.92 -12.33 -10.97
C LYS A 246 12.58 -11.40 -9.97
N CYS A 247 12.26 -10.11 -9.98
CA CYS A 247 12.74 -9.16 -9.00
C CYS A 247 11.59 -8.56 -8.20
N ASP A 248 10.53 -9.36 -8.01
CA ASP A 248 9.33 -8.85 -7.37
C ASP A 248 9.57 -8.48 -5.91
N ILE A 249 10.39 -9.26 -5.22
CA ILE A 249 10.60 -9.09 -3.78
C ILE A 249 11.92 -8.41 -3.49
N TRP A 250 13.02 -8.92 -4.05
CA TRP A 250 14.36 -8.46 -3.71
C TRP A 250 15.03 -7.85 -4.94
N PHE A 251 15.70 -6.72 -4.71
CA PHE A 251 16.66 -6.12 -5.65
C PHE A 251 15.99 -5.47 -6.86
N HIS A 252 14.82 -4.87 -6.69
CA HIS A 252 14.28 -4.07 -7.78
C HIS A 252 14.73 -2.62 -7.63
N SER A 253 14.44 -1.82 -8.67
CA SER A 253 15.04 -0.49 -8.79
C SER A 253 14.75 0.38 -7.57
N HIS A 254 13.49 0.42 -7.14
CA HIS A 254 13.13 1.25 -5.99
C HIS A 254 13.88 0.81 -4.74
N GLN A 255 14.15 -0.49 -4.61
CA GLN A 255 14.85 -0.99 -3.42
C GLN A 255 16.30 -0.52 -3.40
N LEU A 256 17.00 -0.66 -4.53
CA LEU A 256 18.39 -0.20 -4.59
C LEU A 256 18.47 1.32 -4.52
N PHE A 257 17.48 2.03 -5.07
CA PHE A 257 17.48 3.48 -4.94
C PHE A 257 17.42 3.91 -3.47
N HIS A 258 16.62 3.19 -2.67
CA HIS A 258 16.57 3.45 -1.24
C HIS A 258 17.94 3.27 -0.59
N ILE A 259 18.67 2.24 -1.04
CA ILE A 259 20.00 1.97 -0.49
C ILE A 259 20.98 3.07 -0.89
N PHE A 260 20.86 3.57 -2.12
CA PHE A 260 21.74 4.66 -2.57
C PHE A 260 21.47 5.96 -1.81
N VAL A 261 20.27 6.13 -1.25
CA VAL A 261 19.97 7.32 -0.47
C VAL A 261 20.62 7.23 0.91
N VAL A 262 20.49 6.09 1.57
CA VAL A 262 21.11 5.89 2.87
C VAL A 262 22.63 5.99 2.77
N ALA A 263 23.20 5.39 1.72
CA ALA A 263 24.65 5.46 1.55
C ALA A 263 25.09 6.86 1.14
N GLY A 264 24.32 7.52 0.28
CA GLY A 264 24.69 8.86 -0.14
C GLY A 264 24.58 9.89 0.96
N ALA A 265 23.60 9.74 1.85
CA ALA A 265 23.49 10.64 2.98
C ALA A 265 24.60 10.41 3.99
N PHE A 266 25.01 9.14 4.18
CA PHE A 266 26.11 8.84 5.08
C PHE A 266 27.43 9.32 4.50
N VAL A 267 27.64 9.12 3.20
CA VAL A 267 28.82 9.67 2.54
C VAL A 267 28.83 11.19 2.65
N HIS A 268 27.65 11.81 2.55
CA HIS A 268 27.57 13.26 2.70
C HIS A 268 27.96 13.69 4.10
N PHE A 269 27.46 12.99 5.13
CA PHE A 269 27.84 13.32 6.49
C PHE A 269 29.34 13.15 6.70
N HIS A 270 29.94 12.14 6.07
CA HIS A 270 31.37 11.92 6.21
C HIS A 270 32.19 13.07 5.65
N GLY A 271 31.70 13.70 4.58
CA GLY A 271 32.46 14.77 3.95
C GLY A 271 32.41 16.06 4.76
N VAL A 272 31.22 16.46 5.20
CA VAL A 272 31.10 17.69 5.99
C VAL A 272 31.64 17.53 7.40
N SER A 273 31.66 16.31 7.94
CA SER A 273 32.31 16.09 9.22
C SER A 273 33.82 16.24 9.10
N ASN A 274 34.39 15.87 7.95
CA ASN A 274 35.80 16.15 7.70
C ASN A 274 36.05 17.65 7.61
N LEU A 275 35.13 18.38 6.98
CA LEU A 275 35.29 19.82 6.83
C LEU A 275 35.28 20.54 8.17
N GLN A 276 34.69 19.95 9.21
CA GLN A 276 34.70 20.56 10.52
C GLN A 276 35.93 20.17 11.33
N GLU A 277 36.49 18.99 11.10
CA GLU A 277 37.77 18.66 11.70
C GLU A 277 38.90 19.45 11.07
N PHE A 278 38.78 19.76 9.77
CA PHE A 278 39.78 20.62 9.13
C PHE A 278 39.66 22.06 9.62
N ARG A 279 38.43 22.50 9.95
CA ARG A 279 38.29 23.86 10.46
C ARG A 279 38.83 23.96 11.88
N PHE A 280 38.64 22.91 12.69
CA PHE A 280 39.10 22.94 14.06
C PHE A 280 40.61 23.07 14.16
N MET A 281 41.35 22.60 13.14
CA MET A 281 42.80 22.66 13.21
C MET A 281 43.33 24.04 12.82
N ILE A 282 42.65 24.77 11.94
CA ILE A 282 43.10 26.10 11.54
C ILE A 282 42.32 27.22 12.23
N GLY A 283 41.28 26.89 13.00
CA GLY A 283 40.60 27.88 13.81
C GLY A 283 39.72 28.84 13.05
N GLY A 284 38.96 29.66 13.78
CA GLY A 284 38.08 30.62 13.15
C GLY A 284 38.75 31.83 12.55
N GLY A 285 40.03 32.05 12.86
CA GLY A 285 40.72 33.19 12.31
C GLY A 285 40.85 33.10 10.80
N CYS A 286 40.93 34.27 10.16
CA CYS A 286 40.89 34.31 8.69
C CYS A 286 41.77 35.49 8.22
N SER A 287 43.03 35.18 7.94
CA SER A 287 43.89 36.10 7.19
C SER A 287 44.40 35.50 5.90
N GLU A 288 43.74 34.45 5.41
CA GLU A 288 44.09 33.86 4.13
C GLU A 288 43.66 34.78 3.00
N GLU A 289 44.57 35.02 2.07
CA GLU A 289 44.23 35.74 0.84
C GLU A 289 45.17 35.35 -0.29
N GLU B 1 -12.48 -13.18 -19.29
CA GLU B 1 -13.32 -12.99 -18.11
C GLU B 1 -13.21 -14.18 -17.16
N VAL B 2 -13.28 -13.90 -15.86
CA VAL B 2 -13.26 -14.95 -14.86
C VAL B 2 -14.68 -15.48 -14.68
N LEU B 3 -14.82 -16.80 -14.76
CA LEU B 3 -16.12 -17.44 -14.60
C LEU B 3 -16.00 -18.61 -13.65
N LEU B 4 -17.02 -18.76 -12.80
CA LEU B 4 -17.12 -19.88 -11.87
C LEU B 4 -18.38 -20.66 -12.23
N GLN B 5 -18.20 -21.87 -12.74
CA GLN B 5 -19.31 -22.74 -13.10
C GLN B 5 -19.33 -23.93 -12.16
N GLN B 6 -20.48 -24.16 -11.53
CA GLN B 6 -20.62 -25.30 -10.64
C GLN B 6 -21.72 -26.23 -11.15
N SER B 7 -21.78 -27.42 -10.54
CA SER B 7 -22.65 -28.48 -11.00
C SER B 7 -24.12 -28.10 -10.82
N GLY B 8 -24.99 -28.96 -11.37
CA GLY B 8 -26.41 -28.71 -11.36
C GLY B 8 -27.07 -29.13 -10.07
N PRO B 9 -28.39 -28.97 -10.01
CA PRO B 9 -29.11 -29.23 -8.77
C PRO B 9 -29.07 -30.70 -8.38
N GLU B 10 -29.07 -30.95 -7.08
CA GLU B 10 -28.98 -32.29 -6.52
C GLU B 10 -30.23 -32.60 -5.72
N LEU B 11 -30.79 -33.78 -5.94
CA LEU B 11 -31.93 -34.30 -5.19
C LEU B 11 -31.47 -35.56 -4.46
N VAL B 12 -31.37 -35.47 -3.14
CA VAL B 12 -30.82 -36.56 -2.33
C VAL B 12 -31.76 -36.84 -1.17
N LYS B 13 -31.53 -37.98 -0.53
CA LYS B 13 -32.31 -38.44 0.60
C LYS B 13 -31.53 -38.21 1.89
N PRO B 14 -32.22 -38.18 3.05
CA PRO B 14 -31.53 -37.91 4.30
C PRO B 14 -30.42 -38.91 4.59
N GLY B 15 -29.34 -38.41 5.20
CA GLY B 15 -28.19 -39.21 5.53
C GLY B 15 -27.19 -39.41 4.41
N ALA B 16 -27.48 -38.93 3.21
CA ALA B 16 -26.63 -39.17 2.05
C ALA B 16 -25.50 -38.14 2.00
N SER B 17 -24.69 -38.23 0.95
CA SER B 17 -23.59 -37.31 0.71
C SER B 17 -23.78 -36.61 -0.62
N VAL B 18 -23.16 -35.43 -0.75
CA VAL B 18 -23.04 -34.74 -2.02
C VAL B 18 -21.68 -34.08 -2.10
N ARG B 19 -21.22 -33.90 -3.33
CA ARG B 19 -20.00 -33.14 -3.61
C ARG B 19 -20.32 -32.14 -4.71
N ILE B 20 -20.16 -30.85 -4.39
CA ILE B 20 -20.38 -29.76 -5.33
C ILE B 20 -19.03 -29.34 -5.89
N THR B 21 -18.96 -29.23 -7.21
CA THR B 21 -17.73 -28.87 -7.91
C THR B 21 -17.88 -27.47 -8.48
N CYS B 22 -16.92 -26.61 -8.16
CA CYS B 22 -16.82 -25.28 -8.74
C CYS B 22 -15.59 -25.23 -9.64
N LYS B 23 -15.81 -25.15 -10.96
CA LYS B 23 -14.73 -25.09 -11.94
C LYS B 23 -14.46 -23.63 -12.29
N ALA B 24 -13.23 -23.17 -12.04
CA ALA B 24 -12.85 -21.78 -12.30
C ALA B 24 -11.97 -21.69 -13.54
N SER B 25 -12.11 -20.59 -14.27
CA SER B 25 -11.26 -20.32 -15.42
C SER B 25 -11.18 -18.82 -15.63
N GLY B 26 -10.16 -18.40 -16.38
CA GLY B 26 -9.91 -17.00 -16.64
C GLY B 26 -8.83 -16.38 -15.79
N TYR B 27 -8.14 -17.17 -14.96
CA TYR B 27 -7.09 -16.65 -14.11
C TYR B 27 -6.23 -17.84 -13.66
N THR B 28 -5.12 -17.52 -12.99
CA THR B 28 -4.25 -18.55 -12.43
C THR B 28 -4.88 -19.08 -11.14
N PHE B 29 -5.22 -20.37 -11.15
CA PHE B 29 -6.08 -20.92 -10.10
C PHE B 29 -5.47 -20.78 -8.71
N THR B 30 -4.17 -20.99 -8.59
CA THR B 30 -3.52 -20.98 -7.29
C THR B 30 -3.40 -19.60 -6.66
N ASP B 31 -3.67 -18.53 -7.42
CA ASP B 31 -3.36 -17.19 -6.95
C ASP B 31 -4.37 -16.65 -5.94
N PHE B 32 -5.62 -17.14 -5.97
CA PHE B 32 -6.68 -16.59 -5.14
C PHE B 32 -7.37 -17.68 -4.35
N ASN B 33 -7.92 -17.30 -3.21
CA ASN B 33 -8.60 -18.24 -2.32
C ASN B 33 -10.06 -18.43 -2.76
N MET B 34 -10.57 -19.64 -2.53
CA MET B 34 -11.94 -19.99 -2.87
C MET B 34 -12.75 -20.15 -1.58
N ASP B 35 -13.90 -19.50 -1.53
CA ASP B 35 -14.81 -19.60 -0.40
C ASP B 35 -16.11 -20.28 -0.83
N TRP B 36 -16.86 -20.74 0.18
CA TRP B 36 -18.14 -21.40 -0.03
C TRP B 36 -19.19 -20.75 0.86
N VAL B 37 -20.36 -20.50 0.29
CA VAL B 37 -21.43 -19.77 0.96
C VAL B 37 -22.73 -20.55 0.82
N LYS B 38 -23.48 -20.64 1.92
CA LYS B 38 -24.75 -21.33 1.96
C LYS B 38 -25.89 -20.31 2.10
N GLN B 39 -27.00 -20.57 1.41
CA GLN B 39 -28.18 -19.71 1.51
C GLN B 39 -29.42 -20.60 1.53
N SER B 40 -30.00 -20.78 2.72
CA SER B 40 -31.24 -21.51 2.88
C SER B 40 -32.41 -20.71 2.30
N PRO B 41 -33.48 -21.38 1.86
CA PRO B 41 -34.55 -20.66 1.14
C PRO B 41 -35.16 -19.55 1.98
N GLY B 42 -35.23 -18.36 1.39
CA GLY B 42 -35.79 -17.20 2.06
C GLY B 42 -34.93 -16.60 3.14
N LYS B 43 -33.75 -17.14 3.41
CA LYS B 43 -32.87 -16.66 4.46
C LYS B 43 -31.66 -15.95 3.83
N SER B 44 -30.80 -15.42 4.70
CA SER B 44 -29.63 -14.68 4.26
C SER B 44 -28.45 -15.62 4.06
N LEU B 45 -27.31 -15.06 3.69
CA LEU B 45 -26.12 -15.84 3.38
C LEU B 45 -25.35 -16.19 4.63
N GLU B 46 -24.67 -17.34 4.59
CA GLU B 46 -23.84 -17.80 5.69
C GLU B 46 -22.52 -18.30 5.13
N TRP B 47 -21.44 -18.04 5.86
CA TRP B 47 -20.09 -18.37 5.42
C TRP B 47 -19.72 -19.77 5.91
N ILE B 48 -19.41 -20.65 4.97
CA ILE B 48 -19.03 -22.02 5.31
C ILE B 48 -17.54 -22.12 5.61
N GLY B 49 -16.71 -21.56 4.74
CA GLY B 49 -15.28 -21.61 4.95
C GLY B 49 -14.54 -21.06 3.74
N ASP B 50 -13.22 -21.09 3.85
CA ASP B 50 -12.34 -20.66 2.77
C ASP B 50 -11.28 -21.72 2.54
N PHE B 51 -10.87 -21.86 1.28
CA PHE B 51 -9.85 -22.81 0.88
C PHE B 51 -8.79 -22.12 0.04
N ASN B 52 -7.53 -22.46 0.29
CA ASN B 52 -6.41 -21.89 -0.44
C ASN B 52 -5.83 -22.94 -1.37
N PRO B 53 -5.96 -22.78 -2.70
CA PRO B 53 -5.45 -23.81 -3.61
C PRO B 53 -3.94 -23.92 -3.63
N ASN B 54 -3.22 -22.87 -3.26
CA ASN B 54 -1.76 -22.92 -3.29
C ASN B 54 -1.21 -23.83 -2.20
N SER B 55 -1.50 -23.51 -0.94
CA SER B 55 -1.00 -24.30 0.18
C SER B 55 -1.81 -25.56 0.40
N GLY B 56 -3.09 -25.55 0.02
CA GLY B 56 -3.96 -26.69 0.25
C GLY B 56 -4.68 -26.67 1.58
N GLY B 57 -4.40 -25.70 2.44
CA GLY B 57 -5.09 -25.61 3.71
C GLY B 57 -6.44 -24.94 3.58
N SER B 58 -7.25 -25.11 4.63
CA SER B 58 -8.60 -24.55 4.63
C SER B 58 -8.98 -24.15 6.05
N ILE B 59 -9.89 -23.18 6.15
CA ILE B 59 -10.42 -22.70 7.41
C ILE B 59 -11.93 -22.87 7.37
N TYR B 60 -12.47 -23.61 8.34
CA TYR B 60 -13.88 -23.93 8.39
C TYR B 60 -14.58 -23.13 9.48
N ASN B 61 -15.78 -22.64 9.17
CA ASN B 61 -16.67 -22.14 10.20
C ASN B 61 -16.97 -23.26 11.19
N GLN B 62 -17.03 -22.91 12.48
CA GLN B 62 -17.29 -23.92 13.50
C GLN B 62 -18.65 -24.58 13.32
N LYS B 63 -19.62 -23.85 12.76
CA LYS B 63 -20.95 -24.41 12.54
C LYS B 63 -20.91 -25.56 11.54
N PHE B 64 -20.05 -25.45 10.52
CA PHE B 64 -20.00 -26.42 9.43
C PHE B 64 -18.75 -27.30 9.49
N LYS B 65 -18.10 -27.38 10.64
CA LYS B 65 -16.88 -28.16 10.75
C LYS B 65 -17.14 -29.64 10.45
N ASP B 66 -18.17 -30.21 11.06
CA ASP B 66 -18.51 -31.61 10.85
C ASP B 66 -19.39 -31.84 9.64
N LYS B 67 -19.70 -30.79 8.86
CA LYS B 67 -20.57 -30.90 7.70
C LYS B 67 -19.84 -30.79 6.38
N ALA B 68 -18.89 -29.85 6.25
CA ALA B 68 -18.23 -29.57 4.99
C ALA B 68 -16.80 -30.08 4.99
N THR B 69 -16.34 -30.49 3.80
CA THR B 69 -14.95 -30.86 3.59
C THR B 69 -14.52 -30.33 2.23
N PHE B 70 -13.47 -29.50 2.21
CA PHE B 70 -13.01 -28.88 0.98
C PHE B 70 -11.90 -29.71 0.36
N THR B 71 -12.04 -30.02 -0.93
CA THR B 71 -10.99 -30.67 -1.70
C THR B 71 -10.70 -29.82 -2.94
N VAL B 72 -9.69 -30.23 -3.70
CA VAL B 72 -9.26 -29.46 -4.86
C VAL B 72 -8.57 -30.39 -5.86
N ASP B 73 -8.62 -29.99 -7.12
CA ASP B 73 -7.86 -30.64 -8.20
C ASP B 73 -7.22 -29.52 -9.01
N LYS B 74 -5.94 -29.25 -8.74
CA LYS B 74 -5.28 -28.11 -9.36
C LYS B 74 -5.02 -28.31 -10.85
N SER B 75 -5.01 -29.56 -11.32
CA SER B 75 -4.81 -29.80 -12.74
C SER B 75 -5.95 -29.23 -13.57
N SER B 76 -7.18 -29.36 -13.08
CA SER B 76 -8.36 -28.88 -13.79
C SER B 76 -8.91 -27.58 -13.22
N SER B 77 -8.23 -26.99 -12.25
CA SER B 77 -8.64 -25.72 -11.65
C SER B 77 -10.07 -25.82 -11.09
N THR B 78 -10.34 -26.92 -10.39
CA THR B 78 -11.66 -27.20 -9.83
C THR B 78 -11.58 -27.24 -8.31
N ALA B 79 -12.53 -26.58 -7.66
CA ALA B 79 -12.72 -26.69 -6.22
C ALA B 79 -13.96 -27.55 -5.94
N TYR B 80 -13.91 -28.29 -4.84
CA TYR B 80 -15.00 -29.17 -4.47
C TYR B 80 -15.39 -28.90 -3.02
N MET B 81 -16.63 -29.27 -2.68
CA MET B 81 -17.12 -29.22 -1.31
C MET B 81 -18.01 -30.42 -1.04
N GLU B 82 -17.61 -31.25 -0.08
CA GLU B 82 -18.40 -32.41 0.32
C GLU B 82 -19.30 -32.05 1.49
N LEU B 83 -20.57 -32.43 1.38
CA LEU B 83 -21.52 -32.32 2.48
C LEU B 83 -21.89 -33.72 2.93
N ARG B 84 -21.80 -33.97 4.24
CA ARG B 84 -21.96 -35.29 4.80
C ARG B 84 -23.17 -35.35 5.72
N SER B 85 -23.81 -36.53 5.77
CA SER B 85 -24.94 -36.82 6.66
C SER B 85 -25.98 -35.69 6.60
N LEU B 86 -26.63 -35.61 5.45
CA LEU B 86 -27.50 -34.48 5.16
C LEU B 86 -28.87 -34.65 5.80
N THR B 87 -29.38 -33.56 6.34
CA THR B 87 -30.71 -33.50 6.94
C THR B 87 -31.57 -32.52 6.14
N PHE B 88 -32.81 -32.33 6.60
CA PHE B 88 -33.69 -31.37 5.96
C PHE B 88 -33.22 -29.93 6.17
N GLU B 89 -32.35 -29.69 7.16
CA GLU B 89 -31.78 -28.37 7.37
C GLU B 89 -30.78 -27.99 6.31
N ASP B 90 -30.21 -28.95 5.59
CA ASP B 90 -29.17 -28.72 4.60
C ASP B 90 -29.74 -28.43 3.22
N THR B 91 -31.05 -28.20 3.11
CA THR B 91 -31.65 -27.82 1.83
C THR B 91 -31.41 -26.34 1.61
N ALA B 92 -30.56 -26.02 0.64
CA ALA B 92 -30.14 -24.63 0.42
C ALA B 92 -29.45 -24.55 -0.94
N VAL B 93 -29.18 -23.33 -1.36
CA VAL B 93 -28.37 -23.05 -2.54
C VAL B 93 -26.96 -22.76 -2.06
N TYR B 94 -25.99 -23.55 -2.54
CA TYR B 94 -24.60 -23.41 -2.14
C TYR B 94 -23.82 -22.71 -3.25
N TYR B 95 -23.04 -21.70 -2.87
CA TYR B 95 -22.28 -20.89 -3.82
C TYR B 95 -20.78 -21.11 -3.63
N CYS B 96 -20.01 -20.97 -4.71
CA CYS B 96 -18.58 -20.72 -4.58
C CYS B 96 -18.32 -19.26 -4.92
N ALA B 97 -17.30 -18.69 -4.28
CA ALA B 97 -17.00 -17.26 -4.35
C ALA B 97 -15.51 -17.10 -4.18
N ARG B 98 -14.89 -16.36 -5.10
CA ARG B 98 -13.44 -16.21 -5.14
C ARG B 98 -13.01 -14.91 -4.46
N GLU B 99 -11.97 -15.01 -3.64
CA GLU B 99 -11.39 -13.83 -3.01
C GLU B 99 -10.52 -13.08 -4.02
N THR B 100 -9.99 -11.93 -3.59
CA THR B 100 -9.02 -11.15 -4.35
C THR B 100 -8.12 -10.45 -3.33
N GLY B 101 -7.24 -11.22 -2.71
CA GLY B 101 -6.38 -10.70 -1.65
C GLY B 101 -7.05 -10.76 -0.30
N THR B 102 -8.09 -9.94 -0.10
CA THR B 102 -8.93 -10.01 1.07
C THR B 102 -10.26 -10.66 0.71
N ALA B 103 -10.97 -11.13 1.73
CA ALA B 103 -12.14 -11.97 1.50
C ALA B 103 -13.39 -11.18 1.14
N TRP B 104 -13.29 -10.30 0.15
CA TRP B 104 -14.46 -9.75 -0.52
C TRP B 104 -14.60 -10.42 -1.88
N PHE B 105 -15.84 -10.73 -2.26
CA PHE B 105 -16.12 -11.68 -3.33
C PHE B 105 -16.60 -10.94 -4.58
N ALA B 106 -15.71 -10.80 -5.56
CA ALA B 106 -16.07 -10.17 -6.82
C ALA B 106 -16.75 -11.15 -7.77
N TYR B 107 -16.35 -12.42 -7.73
CA TYR B 107 -16.84 -13.44 -8.65
C TYR B 107 -17.57 -14.53 -7.88
N TRP B 108 -18.76 -14.89 -8.34
CA TRP B 108 -19.58 -15.91 -7.72
C TRP B 108 -20.00 -16.95 -8.75
N GLY B 109 -20.11 -18.20 -8.31
CA GLY B 109 -20.74 -19.20 -9.13
C GLY B 109 -22.24 -18.96 -9.23
N GLN B 110 -22.87 -19.67 -10.16
CA GLN B 110 -24.31 -19.50 -10.34
C GLN B 110 -25.12 -20.14 -9.22
N GLY B 111 -24.51 -21.02 -8.43
CA GLY B 111 -25.20 -21.65 -7.32
C GLY B 111 -25.69 -23.06 -7.61
N THR B 112 -25.60 -23.93 -6.62
CA THR B 112 -26.06 -25.31 -6.72
C THR B 112 -27.14 -25.55 -5.67
N LEU B 113 -28.35 -25.87 -6.14
CA LEU B 113 -29.46 -26.14 -5.22
C LEU B 113 -29.39 -27.59 -4.75
N VAL B 114 -29.33 -27.78 -3.44
CA VAL B 114 -29.34 -29.10 -2.83
C VAL B 114 -30.67 -29.27 -2.11
N THR B 115 -31.48 -30.22 -2.55
CA THR B 115 -32.78 -30.50 -1.95
C THR B 115 -32.74 -31.88 -1.31
N VAL B 116 -32.93 -31.92 0.01
CA VAL B 116 -33.01 -33.17 0.74
C VAL B 116 -34.47 -33.55 0.87
N SER B 117 -34.82 -34.75 0.41
CA SER B 117 -36.20 -35.22 0.46
C SER B 117 -36.22 -36.73 0.41
N ALA B 118 -36.99 -37.33 1.32
CA ALA B 118 -37.18 -38.78 1.35
C ALA B 118 -38.40 -39.22 0.55
N ALA B 119 -39.07 -38.30 -0.13
CA ALA B 119 -40.24 -38.62 -0.93
C ALA B 119 -39.87 -39.46 -2.15
N ASP C 1 -17.00 -14.40 17.40
CA ASP C 1 -17.61 -14.15 16.11
C ASP C 1 -18.20 -12.74 16.04
N ILE C 2 -18.02 -12.08 14.91
CA ILE C 2 -18.56 -10.74 14.71
C ILE C 2 -20.01 -10.87 14.23
N GLN C 3 -20.92 -10.16 14.90
CA GLN C 3 -22.32 -10.12 14.50
C GLN C 3 -22.58 -8.87 13.66
N MET C 4 -23.32 -9.06 12.57
CA MET C 4 -23.65 -7.97 11.65
C MET C 4 -25.15 -7.74 11.69
N THR C 5 -25.56 -6.55 12.12
CA THR C 5 -26.96 -6.18 12.24
C THR C 5 -27.29 -5.17 11.14
N GLN C 6 -28.13 -5.58 10.20
CA GLN C 6 -28.52 -4.75 9.08
C GLN C 6 -29.93 -4.21 9.29
N SER C 7 -30.14 -2.96 8.91
CA SER C 7 -31.43 -2.31 9.09
C SER C 7 -31.64 -1.29 7.99
N PRO C 8 -32.86 -1.16 7.45
CA PRO C 8 -34.03 -1.96 7.84
C PRO C 8 -34.04 -3.35 7.20
N ALA C 9 -34.93 -4.22 7.68
CA ALA C 9 -35.02 -5.57 7.12
C ALA C 9 -35.65 -5.55 5.73
N SER C 10 -36.54 -4.60 5.48
CA SER C 10 -37.18 -4.46 4.17
C SER C 10 -37.73 -3.05 4.07
N LEU C 11 -37.89 -2.59 2.82
CA LEU C 11 -38.43 -1.27 2.57
C LEU C 11 -38.84 -1.18 1.10
N SER C 12 -39.77 -0.27 0.82
CA SER C 12 -40.25 -0.04 -0.53
C SER C 12 -40.26 1.45 -0.81
N ALA C 13 -39.71 1.86 -1.95
CA ALA C 13 -39.61 3.26 -2.32
C ALA C 13 -39.94 3.41 -3.80
N SER C 14 -40.10 4.67 -4.22
CA SER C 14 -40.41 4.99 -5.60
C SER C 14 -39.12 5.19 -6.39
N VAL C 15 -39.26 5.22 -7.73
CA VAL C 15 -38.11 5.50 -8.57
C VAL C 15 -37.67 6.95 -8.37
N GLY C 16 -36.38 7.19 -8.53
CA GLY C 16 -35.82 8.52 -8.37
C GLY C 16 -35.57 8.95 -6.94
N GLU C 17 -36.02 8.17 -5.95
CA GLU C 17 -35.82 8.51 -4.56
C GLU C 17 -34.50 7.94 -4.03
N THR C 18 -34.13 8.37 -2.84
CA THR C 18 -32.91 7.94 -2.18
C THR C 18 -33.24 7.04 -1.00
N VAL C 19 -32.51 5.94 -0.86
CA VAL C 19 -32.67 5.03 0.25
C VAL C 19 -31.32 4.80 0.90
N THR C 20 -31.34 4.51 2.20
CA THR C 20 -30.14 4.31 3.00
C THR C 20 -30.29 3.03 3.81
N ILE C 21 -29.35 2.11 3.65
CA ILE C 21 -29.32 0.86 4.39
C ILE C 21 -28.19 0.95 5.41
N THR C 22 -28.55 1.04 6.69
CA THR C 22 -27.55 1.09 7.74
C THR C 22 -27.13 -0.32 8.13
N CYS C 23 -25.97 -0.41 8.79
CA CYS C 23 -25.47 -1.70 9.26
C CYS C 23 -24.46 -1.47 10.37
N ARG C 24 -24.57 -2.28 11.42
CA ARG C 24 -23.71 -2.16 12.59
C ARG C 24 -23.07 -3.50 12.89
N ALA C 25 -21.76 -3.50 13.13
CA ALA C 25 -21.02 -4.69 13.52
C ALA C 25 -20.87 -4.75 15.03
N SER C 26 -20.85 -5.98 15.57
CA SER C 26 -20.71 -6.15 17.00
C SER C 26 -19.33 -5.78 17.50
N GLY C 27 -18.33 -5.74 16.60
CA GLY C 27 -17.02 -5.28 16.96
C GLY C 27 -16.41 -4.51 15.80
N ASN C 28 -15.24 -3.92 16.07
CA ASN C 28 -14.56 -3.15 15.04
C ASN C 28 -14.06 -4.08 13.94
N ILE C 29 -14.42 -3.76 12.69
CA ILE C 29 -14.01 -4.56 11.55
C ILE C 29 -13.03 -3.84 10.65
N HIS C 30 -12.59 -2.64 11.03
CA HIS C 30 -11.47 -1.96 10.38
C HIS C 30 -11.71 -1.72 8.88
N ASN C 31 -12.93 -1.30 8.54
CA ASN C 31 -13.33 -0.97 7.17
C ASN C 31 -13.31 -2.16 6.22
N PHE C 32 -13.10 -3.37 6.72
CA PHE C 32 -13.14 -4.58 5.90
C PHE C 32 -14.59 -5.00 5.68
N LEU C 33 -15.31 -4.17 4.92
CA LEU C 33 -16.73 -4.37 4.69
C LEU C 33 -17.03 -4.41 3.20
N ALA C 34 -18.03 -5.19 2.82
CA ALA C 34 -18.48 -5.30 1.44
C ALA C 34 -20.00 -5.33 1.38
N TRP C 35 -20.56 -4.76 0.32
CA TRP C 35 -21.99 -4.76 0.07
C TRP C 35 -22.28 -5.57 -1.19
N TYR C 36 -23.41 -6.28 -1.19
CA TYR C 36 -23.81 -7.12 -2.30
C TYR C 36 -25.29 -6.92 -2.62
N GLN C 37 -25.63 -7.11 -3.90
CA GLN C 37 -27.01 -7.08 -4.36
C GLN C 37 -27.34 -8.43 -5.00
N GLN C 38 -28.51 -8.96 -4.67
CA GLN C 38 -28.93 -10.27 -5.16
C GLN C 38 -30.31 -10.17 -5.77
N LYS C 39 -30.41 -10.55 -7.04
CA LYS C 39 -31.69 -10.58 -7.73
C LYS C 39 -32.40 -11.91 -7.47
N GLN C 40 -33.67 -11.96 -7.84
CA GLN C 40 -34.51 -13.14 -7.62
C GLN C 40 -33.89 -14.37 -8.26
N GLY C 41 -33.52 -15.35 -7.43
CA GLY C 41 -32.95 -16.59 -7.91
C GLY C 41 -31.51 -16.51 -8.40
N LYS C 42 -30.99 -15.32 -8.65
CA LYS C 42 -29.65 -15.18 -9.20
C LYS C 42 -28.61 -15.09 -8.09
N SER C 43 -27.34 -15.03 -8.50
CA SER C 43 -26.20 -14.93 -7.62
C SER C 43 -25.99 -13.48 -7.16
N PRO C 44 -25.46 -13.28 -5.95
CA PRO C 44 -25.16 -11.91 -5.52
C PRO C 44 -23.97 -11.34 -6.25
N GLN C 45 -24.00 -10.03 -6.47
CA GLN C 45 -22.92 -9.30 -7.11
C GLN C 45 -22.43 -8.20 -6.19
N VAL C 46 -21.11 -8.00 -6.14
CA VAL C 46 -20.54 -7.03 -5.23
C VAL C 46 -20.80 -5.62 -5.75
N LEU C 47 -21.27 -4.74 -4.86
CA LEU C 47 -21.47 -3.34 -5.18
C LEU C 47 -20.33 -2.46 -4.67
N VAL C 48 -20.01 -2.57 -3.38
CA VAL C 48 -18.96 -1.78 -2.74
C VAL C 48 -18.13 -2.71 -1.88
N TYR C 49 -16.80 -2.56 -1.96
CA TYR C 49 -15.89 -3.29 -1.08
C TYR C 49 -14.96 -2.29 -0.39
N ASN C 50 -14.26 -2.78 0.63
CA ASN C 50 -13.42 -1.93 1.47
C ASN C 50 -14.19 -0.70 1.95
N ALA C 51 -15.44 -0.92 2.35
CA ALA C 51 -16.32 0.09 2.94
C ALA C 51 -16.76 1.17 1.95
N LYS C 52 -15.84 1.65 1.10
CA LYS C 52 -16.13 2.78 0.23
C LYS C 52 -15.81 2.56 -1.24
N THR C 53 -14.95 1.61 -1.59
CA THR C 53 -14.53 1.46 -2.97
C THR C 53 -15.66 0.88 -3.82
N LEU C 54 -16.05 1.63 -4.86
CA LEU C 54 -17.09 1.18 -5.77
C LEU C 54 -16.53 0.13 -6.73
N ALA C 55 -17.24 -0.99 -6.85
CA ALA C 55 -16.77 -2.09 -7.69
C ALA C 55 -16.87 -1.73 -9.18
N ASP C 56 -16.13 -2.48 -9.98
CA ASP C 56 -16.10 -2.25 -11.43
C ASP C 56 -17.48 -2.43 -12.04
N GLY C 57 -17.89 -1.46 -12.86
CA GLY C 57 -19.15 -1.54 -13.55
C GLY C 57 -20.37 -1.12 -12.76
N VAL C 58 -20.21 -0.80 -11.49
CA VAL C 58 -21.36 -0.42 -10.65
C VAL C 58 -21.66 1.05 -10.86
N PRO C 59 -22.93 1.43 -11.08
CA PRO C 59 -23.26 2.83 -11.30
C PRO C 59 -22.91 3.70 -10.11
N SER C 60 -22.75 4.99 -10.37
CA SER C 60 -22.27 5.93 -9.36
C SER C 60 -23.31 6.28 -8.31
N ARG C 61 -24.58 5.87 -8.49
CA ARG C 61 -25.58 6.20 -7.49
C ARG C 61 -25.44 5.36 -6.22
N PHE C 62 -24.72 4.23 -6.30
CA PHE C 62 -24.39 3.48 -5.09
C PHE C 62 -23.14 4.08 -4.45
N SER C 63 -23.19 4.26 -3.13
CA SER C 63 -22.06 4.81 -2.39
C SER C 63 -22.06 4.25 -0.98
N GLY C 64 -20.92 3.70 -0.57
CA GLY C 64 -20.75 3.18 0.78
C GLY C 64 -19.92 4.13 1.63
N SER C 65 -20.24 4.18 2.91
CA SER C 65 -19.56 5.07 3.85
C SER C 65 -19.52 4.42 5.23
N GLY C 66 -18.94 5.14 6.18
CA GLY C 66 -18.89 4.69 7.55
C GLY C 66 -17.49 4.25 7.95
N SER C 67 -17.35 3.98 9.25
CA SER C 67 -16.08 3.54 9.82
C SER C 67 -16.38 2.82 11.13
N GLY C 68 -15.37 2.13 11.64
CA GLY C 68 -15.47 1.47 12.93
C GLY C 68 -16.47 0.34 12.95
N THR C 69 -17.64 0.59 13.56
CA THR C 69 -18.70 -0.40 13.64
C THR C 69 -19.99 0.01 12.93
N GLN C 70 -20.09 1.25 12.44
CA GLN C 70 -21.29 1.75 11.78
C GLN C 70 -20.96 2.05 10.33
N TYR C 71 -21.62 1.32 9.42
CA TYR C 71 -21.41 1.51 7.99
C TYR C 71 -22.77 1.69 7.31
N SER C 72 -22.73 2.20 6.08
CA SER C 72 -23.96 2.58 5.41
C SER C 72 -23.82 2.39 3.91
N LEU C 73 -24.93 2.00 3.27
CA LEU C 73 -25.02 1.92 1.82
C LEU C 73 -26.16 2.84 1.37
N LYS C 74 -25.87 3.71 0.42
CA LYS C 74 -26.82 4.70 -0.05
C LYS C 74 -27.03 4.55 -1.55
N ILE C 75 -28.29 4.59 -1.97
CA ILE C 75 -28.69 4.47 -3.37
C ILE C 75 -29.43 5.75 -3.74
N ASN C 76 -28.79 6.61 -4.52
CA ASN C 76 -29.40 7.85 -4.99
C ASN C 76 -30.20 7.61 -6.26
N SER C 77 -31.34 8.28 -6.37
CA SER C 77 -32.16 8.22 -7.56
C SER C 77 -32.43 6.77 -7.96
N LEU C 78 -33.36 6.12 -7.26
CA LEU C 78 -33.62 4.71 -7.48
C LEU C 78 -34.10 4.46 -8.91
N GLN C 79 -33.60 3.38 -9.50
CA GLN C 79 -34.02 2.91 -10.80
C GLN C 79 -34.84 1.63 -10.67
N PRO C 80 -35.68 1.32 -11.66
CA PRO C 80 -36.50 0.11 -11.55
C PRO C 80 -35.71 -1.16 -11.37
N GLU C 81 -34.50 -1.27 -11.93
CA GLU C 81 -33.70 -2.48 -11.82
C GLU C 81 -33.01 -2.62 -10.48
N ASP C 82 -33.26 -1.72 -9.53
CA ASP C 82 -32.58 -1.75 -8.24
C ASP C 82 -33.28 -2.65 -7.22
N PHE C 83 -34.42 -3.25 -7.57
CA PHE C 83 -35.10 -4.13 -6.64
C PHE C 83 -34.29 -5.40 -6.40
N GLY C 84 -34.46 -5.99 -5.23
CA GLY C 84 -33.77 -7.20 -4.86
C GLY C 84 -33.36 -7.15 -3.41
N SER C 85 -32.48 -8.07 -3.03
CA SER C 85 -31.96 -8.16 -1.68
C SER C 85 -30.55 -7.59 -1.61
N TYR C 86 -30.23 -6.96 -0.48
CA TYR C 86 -28.94 -6.32 -0.27
C TYR C 86 -28.32 -6.85 1.03
N TYR C 87 -27.04 -7.20 0.96
CA TYR C 87 -26.34 -7.81 2.08
C TYR C 87 -25.03 -7.10 2.34
N CYS C 88 -24.69 -6.95 3.62
CA CYS C 88 -23.37 -6.52 4.03
C CYS C 88 -22.56 -7.71 4.50
N GLN C 89 -21.23 -7.56 4.48
CA GLN C 89 -20.34 -8.64 4.86
C GLN C 89 -19.06 -8.05 5.42
N GLN C 90 -18.60 -8.60 6.54
CA GLN C 90 -17.32 -8.25 7.12
C GLN C 90 -16.32 -9.36 6.87
N PHE C 91 -15.10 -8.99 6.50
CA PHE C 91 -14.04 -9.97 6.28
C PHE C 91 -12.79 -9.60 7.06
N TRP C 92 -12.98 -9.00 8.23
CA TRP C 92 -11.88 -8.72 9.14
C TRP C 92 -11.58 -9.90 10.06
N SER C 93 -12.63 -10.53 10.60
CA SER C 93 -12.49 -11.61 11.56
C SER C 93 -13.17 -12.87 11.04
N THR C 94 -12.52 -14.03 11.25
CA THR C 94 -13.20 -15.27 10.92
C THR C 94 -13.95 -15.81 12.13
N PRO C 95 -15.11 -16.45 11.94
CA PRO C 95 -15.76 -16.69 10.64
C PRO C 95 -16.42 -15.45 10.07
N TYR C 96 -16.24 -15.22 8.77
CA TYR C 96 -16.87 -14.08 8.11
C TYR C 96 -18.39 -14.19 8.21
N THR C 97 -19.04 -13.04 8.25
CA THR C 97 -20.47 -13.00 8.53
C THR C 97 -21.17 -12.01 7.62
N PHE C 98 -22.42 -12.33 7.30
CA PHE C 98 -23.27 -11.48 6.49
C PHE C 98 -24.37 -10.88 7.36
N GLY C 99 -24.90 -9.75 6.90
CA GLY C 99 -26.06 -9.16 7.54
C GLY C 99 -27.31 -9.98 7.25
N GLY C 100 -28.36 -9.68 8.02
CA GLY C 100 -29.63 -10.36 7.82
C GLY C 100 -30.25 -10.14 6.45
N GLY C 101 -29.84 -9.07 5.77
CA GLY C 101 -30.37 -8.76 4.45
C GLY C 101 -31.44 -7.70 4.49
N THR C 102 -31.60 -6.99 3.39
CA THR C 102 -32.60 -5.95 3.24
C THR C 102 -33.30 -6.14 1.90
N LYS C 103 -34.60 -6.40 1.95
CA LYS C 103 -35.40 -6.56 0.74
C LYS C 103 -35.88 -5.21 0.25
N LEU C 104 -35.52 -4.87 -0.98
CA LEU C 104 -35.89 -3.59 -1.58
C LEU C 104 -36.90 -3.81 -2.69
N GLU C 105 -38.04 -3.12 -2.59
CA GLU C 105 -39.08 -3.16 -3.60
C GLU C 105 -39.30 -1.77 -4.16
N ILE C 106 -39.50 -1.68 -5.47
CA ILE C 106 -39.68 -0.41 -6.16
C ILE C 106 -41.14 -0.27 -6.57
N ASN C 107 -41.66 0.94 -6.47
CA ASN C 107 -43.04 1.20 -6.88
C ASN C 107 -43.08 2.21 -8.02
#